data_5QGV
#
_entry.id   5QGV
#
_cell.length_a   124.333
_cell.length_b   124.333
_cell.length_c   41.009
_cell.angle_alpha   90.000
_cell.angle_beta   90.000
_cell.angle_gamma   120.000
#
_symmetry.space_group_name_H-M   'P 3 2 1'
#
loop_
_entity.id
_entity.type
_entity.pdbx_description
1 polymer 'Peroxisomal coenzyme A diphosphatase NUDT7'
2 non-polymer 'ACETATE ION'
3 non-polymer 'DIMETHYL SULFOXIDE'
4 non-polymer N-(3-chlorophenyl)-2-(3-methoxyphenyl)acetamide
5 water water
#
_entity_poly.entity_id   1
_entity_poly.type   'polypeptide(L)'
_entity_poly.pdbx_seq_one_letter_code
;SMLDDAKARLRKYDIGGKYSHLPYNKYSVLLPLVAKEGKLHLLFTVRSEKLRRAPGEVCFPGGKRDPTDMDDAATALREA
QEEVGLR(HYP)HQVEVV(CSO)CLVPCLIDTDTLITPFVGLIDHNFQAQPNPAEVKDVFLVPLAYFLHPQVHDQHYVTR
LGHRFINHIFEYTNPEDGVTYQIKGMTANLAVLVAFIILEKKPT
;
_entity_poly.pdbx_strand_id   A
#
loop_
_chem_comp.id
_chem_comp.type
_chem_comp.name
_chem_comp.formula
ACT non-polymer 'ACETATE ION' 'C2 H3 O2 -1'
DMS non-polymer 'DIMETHYL SULFOXIDE' 'C2 H6 O S'
H3A non-polymer N-(3-chlorophenyl)-2-(3-methoxyphenyl)acetamide 'C15 H14 Cl N O2'
#
# COMPACT_ATOMS: atom_id res chain seq x y z
N SER A 1 9.95 -18.90 -9.10
CA SER A 1 9.95 -18.59 -7.64
C SER A 1 8.72 -17.73 -7.28
N MET A 2 8.43 -17.67 -5.99
CA MET A 2 7.28 -16.91 -5.44
C MET A 2 7.38 -15.45 -5.87
N LEU A 3 8.57 -14.89 -5.75
CA LEU A 3 8.73 -13.47 -6.03
C LEU A 3 8.73 -13.17 -7.52
N ASP A 4 9.36 -14.04 -8.31
CA ASP A 4 9.33 -13.88 -9.75
C ASP A 4 7.90 -14.06 -10.29
N ASP A 5 7.16 -14.99 -9.70
CA ASP A 5 5.77 -15.22 -10.06
C ASP A 5 4.90 -13.98 -9.71
N ALA A 6 5.11 -13.40 -8.54
CA ALA A 6 4.36 -12.18 -8.14
C ALA A 6 4.62 -11.00 -9.07
N LYS A 7 5.90 -10.75 -9.36
CA LYS A 7 6.26 -9.66 -10.27
C LYS A 7 5.69 -9.86 -11.68
N ALA A 8 5.76 -11.09 -12.18
CA ALA A 8 5.21 -11.40 -13.51
C ALA A 8 3.69 -11.11 -13.54
N ARG A 9 2.99 -11.48 -12.48
CA ARG A 9 1.54 -11.25 -12.39
C ARG A 9 1.29 -9.75 -12.36
N LEU A 10 2.00 -9.05 -11.48
CA LEU A 10 1.81 -7.61 -11.34
C LEU A 10 2.03 -6.83 -12.62
N ARG A 11 3.04 -7.22 -13.38
CA ARG A 11 3.38 -6.48 -14.61
C ARG A 11 2.25 -6.49 -15.63
N LYS A 12 1.42 -7.52 -15.62
CA LYS A 12 0.28 -7.61 -16.52
C LYS A 12 -0.83 -6.55 -16.25
N TYR A 13 -0.82 -5.93 -15.06
CA TYR A 13 -1.79 -4.93 -14.68
C TYR A 13 -1.22 -3.51 -14.65
N ASP A 14 0.04 -3.37 -15.04
CA ASP A 14 0.75 -2.08 -15.01
C ASP A 14 0.08 -1.17 -16.04
N ILE A 15 -0.34 0.00 -15.61
CA ILE A 15 -0.82 1.00 -16.56
C ILE A 15 0.30 1.96 -16.96
N GLY A 16 1.43 1.93 -16.24
CA GLY A 16 2.55 2.82 -16.53
C GLY A 16 2.19 4.28 -16.27
N GLY A 17 2.69 5.17 -17.12
CA GLY A 17 2.45 6.62 -16.99
C GLY A 17 1.28 7.19 -17.77
N LYS A 18 0.40 6.30 -18.23
CA LYS A 18 -0.75 6.65 -19.07
C LYS A 18 -1.58 7.83 -18.52
N TYR A 19 -1.89 7.83 -17.22
CA TYR A 19 -2.72 8.86 -16.59
C TYR A 19 -1.90 9.93 -15.81
N SER A 20 -0.56 9.83 -15.90
CA SER A 20 0.31 10.61 -14.99
C SER A 20 0.42 12.10 -15.27
N HIS A 21 0.15 12.56 -16.49
N HIS A 21 0.17 12.53 -16.50
CA HIS A 21 0.31 14.00 -16.78
CA HIS A 21 0.31 13.94 -16.86
C HIS A 21 -0.99 14.77 -16.63
C HIS A 21 -0.99 14.72 -16.78
N LEU A 22 -2.10 14.07 -16.43
CA LEU A 22 -3.40 14.76 -16.31
C LEU A 22 -3.38 15.78 -15.18
N PRO A 23 -4.07 16.92 -15.34
CA PRO A 23 -3.88 18.07 -14.43
C PRO A 23 -4.64 17.99 -13.11
N TYR A 24 -4.34 16.97 -12.30
CA TYR A 24 -4.98 16.78 -11.03
C TYR A 24 -4.12 17.25 -9.86
N ASN A 25 -4.74 17.37 -8.71
CA ASN A 25 -3.98 17.35 -7.44
C ASN A 25 -3.49 15.89 -7.30
N LYS A 26 -2.18 15.69 -7.22
CA LYS A 26 -1.59 14.36 -7.39
C LYS A 26 -0.98 13.85 -6.08
N TYR A 27 -1.38 12.62 -5.74
CA TYR A 27 -0.81 11.85 -4.60
C TYR A 27 -0.42 10.49 -5.08
N SER A 28 0.61 9.90 -4.45
CA SER A 28 0.98 8.51 -4.73
C SER A 28 0.99 7.71 -3.43
N VAL A 29 0.68 6.42 -3.55
CA VAL A 29 0.83 5.49 -2.43
C VAL A 29 1.70 4.34 -2.86
N LEU A 30 2.43 3.78 -1.89
CA LEU A 30 3.22 2.58 -2.08
C LEU A 30 2.54 1.39 -1.41
N LEU A 31 2.27 0.34 -2.16
CA LEU A 31 1.71 -0.90 -1.66
C LEU A 31 2.94 -1.82 -1.45
N PRO A 32 3.46 -1.94 -0.22
CA PRO A 32 4.75 -2.58 0.00
C PRO A 32 4.56 -4.06 0.32
N LEU A 33 5.09 -4.89 -0.56
CA LEU A 33 5.02 -6.36 -0.41
C LEU A 33 6.29 -6.86 0.26
N VAL A 34 6.07 -7.61 1.34
CA VAL A 34 7.14 -8.15 2.18
C VAL A 34 6.96 -9.66 2.18
N ALA A 35 8.05 -10.40 1.95
CA ALA A 35 7.99 -11.85 2.04
C ALA A 35 8.53 -12.29 3.40
N LYS A 36 7.71 -13.00 4.17
CA LYS A 36 8.09 -13.52 5.52
C LYS A 36 7.49 -14.88 5.66
N GLU A 37 8.21 -15.82 6.28
CA GLU A 37 7.64 -17.12 6.61
C GLU A 37 7.01 -17.83 5.41
N GLY A 38 7.65 -17.63 4.25
CA GLY A 38 7.27 -18.24 3.02
C GLY A 38 5.97 -17.71 2.40
N LYS A 39 5.50 -16.54 2.85
CA LYS A 39 4.23 -15.97 2.33
C LYS A 39 4.43 -14.50 2.05
N LEU A 40 3.64 -13.94 1.13
CA LEU A 40 3.65 -12.49 0.93
C LEU A 40 2.74 -11.77 1.92
N HIS A 41 3.16 -10.57 2.30
CA HIS A 41 2.45 -9.72 3.24
C HIS A 41 2.41 -8.31 2.65
N LEU A 42 1.38 -7.55 3.00
CA LEU A 42 1.38 -6.12 2.78
C LEU A 42 1.73 -5.38 4.05
N LEU A 43 2.49 -4.30 3.90
CA LEU A 43 2.83 -3.41 5.00
C LEU A 43 1.88 -2.22 5.04
N PHE A 44 1.32 -1.97 6.20
CA PHE A 44 0.40 -0.86 6.45
C PHE A 44 0.96 0.05 7.54
N THR A 45 0.49 1.31 7.51
CA THR A 45 0.77 2.26 8.58
C THR A 45 -0.52 2.60 9.29
N VAL A 46 -0.40 2.98 10.56
CA VAL A 46 -1.46 3.66 11.26
C VAL A 46 -1.03 5.12 11.36
N ARG A 47 -1.88 6.00 10.86
CA ARG A 47 -1.57 7.44 10.87
C ARG A 47 -1.58 7.96 12.29
N SER A 48 -0.69 8.90 12.55
CA SER A 48 -0.58 9.50 13.86
C SER A 48 -1.89 10.20 14.24
N GLU A 49 -2.23 10.16 15.53
CA GLU A 49 -3.45 10.81 16.03
C GLU A 49 -3.42 12.35 15.90
N LYS A 50 -2.23 12.94 15.84
CA LYS A 50 -2.09 14.40 15.70
C LYS A 50 -2.20 14.94 14.27
N LEU A 51 -2.31 14.06 13.27
CA LEU A 51 -2.54 14.49 11.90
C LEU A 51 -3.99 14.97 11.78
N ARG A 52 -4.20 16.04 11.02
CA ARG A 52 -5.53 16.65 10.89
C ARG A 52 -6.44 15.86 9.95
N ARG A 53 -5.85 15.22 8.94
CA ARG A 53 -6.60 14.37 8.00
C ARG A 53 -6.45 12.88 8.36
N ALA A 54 -7.55 12.29 8.84
CA ALA A 54 -7.68 10.85 9.10
C ALA A 54 -6.74 10.32 10.20
N PRO A 55 -6.79 10.92 11.40
CA PRO A 55 -5.92 10.48 12.48
C PRO A 55 -6.27 9.08 12.93
N GLY A 56 -5.24 8.27 13.17
CA GLY A 56 -5.45 6.92 13.67
C GLY A 56 -5.96 5.90 12.67
N GLU A 57 -6.09 6.26 11.40
CA GLU A 57 -6.59 5.32 10.38
C GLU A 57 -5.45 4.55 9.72
N VAL A 58 -5.79 3.37 9.23
CA VAL A 58 -4.86 2.50 8.55
C VAL A 58 -4.74 2.97 7.10
N CYS A 59 -3.52 3.08 6.60
CA CYS A 59 -3.22 3.72 5.36
C CYS A 59 -1.97 3.07 4.79
N PHE A 60 -1.79 3.04 3.48
CA PHE A 60 -0.49 2.72 2.92
C PHE A 60 0.43 3.96 3.01
N PRO A 61 1.76 3.76 3.02
CA PRO A 61 2.65 4.92 2.94
C PRO A 61 2.41 5.72 1.65
N GLY A 62 2.58 7.02 1.71
CA GLY A 62 2.40 7.85 0.52
C GLY A 62 2.10 9.28 0.89
N GLY A 63 1.77 10.07 -0.12
CA GLY A 63 1.52 11.48 0.10
C GLY A 63 1.47 12.26 -1.18
N LYS A 64 1.49 13.60 -1.03
CA LYS A 64 1.31 14.51 -2.17
C LYS A 64 2.59 14.68 -2.97
N ARG A 65 2.49 14.68 -4.30
CA ARG A 65 3.62 14.93 -5.15
C ARG A 65 4.13 16.34 -4.84
N ASP A 66 5.44 16.49 -4.90
CA ASP A 66 6.07 17.82 -4.82
C ASP A 66 6.98 18.08 -5.99
N PRO A 67 7.51 19.32 -6.13
CA PRO A 67 8.24 19.59 -7.35
C PRO A 67 9.50 18.83 -7.55
N THR A 68 10.08 18.27 -6.49
CA THR A 68 11.32 17.52 -6.61
C THR A 68 11.13 16.16 -7.32
N ASP A 69 9.93 15.61 -7.25
CA ASP A 69 9.69 14.26 -7.73
C ASP A 69 9.84 14.15 -9.25
N MET A 70 10.70 13.25 -9.72
CA MET A 70 10.85 13.03 -11.16
C MET A 70 9.58 12.50 -11.81
N ASP A 71 8.84 11.71 -11.02
CA ASP A 71 7.63 11.06 -11.48
C ASP A 71 6.77 10.63 -10.27
N ASP A 72 5.62 9.99 -10.55
CA ASP A 72 4.71 9.60 -9.50
C ASP A 72 5.29 8.51 -8.58
N ALA A 73 6.10 7.64 -9.14
CA ALA A 73 6.74 6.58 -8.35
C ALA A 73 7.68 7.22 -7.32
N ALA A 74 8.40 8.25 -7.75
CA ALA A 74 9.27 8.98 -6.82
C ALA A 74 8.53 9.59 -5.65
N THR A 75 7.32 10.12 -5.86
CA THR A 75 6.50 10.56 -4.77
C THR A 75 6.29 9.49 -3.70
N ALA A 76 5.90 8.30 -4.17
CA ALA A 76 5.62 7.19 -3.29
C ALA A 76 6.86 6.83 -2.46
N LEU A 77 8.00 6.77 -3.12
CA LEU A 77 9.25 6.38 -2.46
C LEU A 77 9.72 7.45 -1.48
N ARG A 78 9.60 8.71 -1.86
CA ARG A 78 10.00 9.82 -0.96
C ARG A 78 9.19 9.82 0.31
N GLU A 79 7.87 9.67 0.17
CA GLU A 79 6.98 9.64 1.30
C GLU A 79 7.19 8.40 2.17
N ALA A 80 7.40 7.25 1.55
CA ALA A 80 7.65 6.02 2.31
C ALA A 80 8.94 6.15 3.14
N GLN A 81 9.96 6.77 2.56
CA GLN A 81 11.21 7.02 3.31
C GLN A 81 10.94 7.92 4.53
N GLU A 82 10.22 9.02 4.31
CA GLU A 82 9.87 9.95 5.40
C GLU A 82 9.06 9.28 6.50
N GLU A 83 8.09 8.45 6.13
CA GLU A 83 7.15 7.88 7.06
C GLU A 83 7.69 6.67 7.82
N VAL A 84 8.38 5.76 7.14
CA VAL A 84 8.79 4.48 7.77
C VAL A 84 10.28 4.13 7.59
N GLY A 85 11.05 5.03 7.01
CA GLY A 85 12.50 4.86 6.83
C GLY A 85 12.93 3.99 5.69
N LEU A 86 11.98 3.60 4.83
CA LEU A 86 12.32 2.80 3.67
C LEU A 86 13.22 3.54 2.69
N ARG A 87 14.42 3.04 2.46
CA ARG A 87 15.38 3.66 1.55
C ARG A 87 15.22 3.13 0.11
N HYP A 88 15.59 3.93 -0.91
CA HYP A 88 15.29 3.44 -2.26
C HYP A 88 15.95 2.15 -2.69
O HYP A 88 15.32 1.40 -3.45
CB HYP A 88 15.56 4.63 -3.19
CG HYP A 88 15.35 5.83 -2.29
CD HYP A 88 15.87 5.37 -0.93
OD1 HYP A 88 13.94 6.12 -2.14
N HIS A 89 17.13 1.84 -2.18
CA HIS A 89 17.75 0.55 -2.48
C HIS A 89 16.98 -0.63 -1.86
N GLN A 90 16.04 -0.34 -0.96
CA GLN A 90 15.30 -1.38 -0.25
C GLN A 90 13.96 -1.69 -0.90
N VAL A 91 13.67 -1.07 -2.04
CA VAL A 91 12.40 -1.24 -2.71
C VAL A 91 12.58 -1.33 -4.22
N GLU A 92 11.92 -2.31 -4.80
CA GLU A 92 11.83 -2.44 -6.24
C GLU A 92 10.38 -2.12 -6.63
N VAL A 93 10.17 -1.00 -7.32
CA VAL A 93 8.83 -0.65 -7.81
C VAL A 93 8.55 -1.48 -9.06
N VAL A 94 7.50 -2.29 -9.00
CA VAL A 94 7.21 -3.31 -10.00
C VAL A 94 6.20 -2.77 -11.00
N CSO A 95 5.19 -2.05 -10.49
CA CSO A 95 4.17 -1.52 -11.37
CB CSO A 95 3.27 -2.67 -11.78
SG CSO A 95 2.33 -3.23 -10.43
C CSO A 95 3.35 -0.44 -10.75
O CSO A 95 3.38 -0.18 -9.55
OD CSO A 95 0.88 -3.05 -11.33
N CYS A 96 2.58 0.21 -11.63
CA CYS A 96 1.62 1.18 -11.29
C CYS A 96 0.22 0.61 -11.55
N LEU A 97 -0.60 0.53 -10.53
CA LEU A 97 -1.97 0.01 -10.65
C LEU A 97 -2.93 1.13 -11.00
N VAL A 98 -4.16 0.74 -11.31
CA VAL A 98 -5.19 1.72 -11.66
C VAL A 98 -5.28 2.85 -10.63
N PRO A 99 -5.20 4.11 -11.10
CA PRO A 99 -5.35 5.20 -10.15
C PRO A 99 -6.75 5.39 -9.62
N CYS A 100 -6.84 6.04 -8.46
N CYS A 100 -6.84 6.00 -8.43
CA CYS A 100 -8.07 6.24 -7.69
CA CYS A 100 -8.08 6.28 -7.71
C CYS A 100 -8.47 7.74 -7.81
C CYS A 100 -8.42 7.75 -7.96
N LEU A 101 -9.65 8.02 -8.38
CA LEU A 101 -10.16 9.41 -8.49
C LEU A 101 -10.96 9.78 -7.28
N ILE A 102 -10.65 10.91 -6.64
CA ILE A 102 -11.47 11.38 -5.52
C ILE A 102 -11.69 12.89 -5.57
N ASP A 103 -12.82 13.34 -5.01
CA ASP A 103 -13.12 14.74 -4.77
C ASP A 103 -13.20 15.61 -6.00
N THR A 104 -13.35 14.97 -7.17
CA THR A 104 -13.42 15.62 -8.48
C THR A 104 -12.12 16.20 -9.00
N ASP A 105 -11.12 16.44 -8.13
CA ASP A 105 -9.91 17.14 -8.52
C ASP A 105 -8.61 16.44 -8.12
N THR A 106 -8.70 15.18 -7.71
CA THR A 106 -7.55 14.50 -7.10
C THR A 106 -7.40 13.12 -7.70
N LEU A 107 -6.15 12.75 -7.98
CA LEU A 107 -5.83 11.47 -8.55
C LEU A 107 -4.73 10.84 -7.68
N ILE A 108 -5.00 9.66 -7.18
CA ILE A 108 -4.07 8.92 -6.31
C ILE A 108 -3.56 7.74 -7.11
N THR A 109 -2.25 7.68 -7.32
CA THR A 109 -1.61 6.66 -8.11
C THR A 109 -0.93 5.63 -7.18
N PRO A 110 -1.35 4.35 -7.24
CA PRO A 110 -0.72 3.31 -6.40
C PRO A 110 0.37 2.57 -7.13
N PHE A 111 1.50 2.36 -6.45
CA PHE A 111 2.61 1.61 -6.98
C PHE A 111 2.83 0.41 -6.08
N VAL A 112 3.05 -0.76 -6.66
CA VAL A 112 3.40 -1.92 -5.86
C VAL A 112 4.93 -2.03 -5.85
N GLY A 113 5.48 -2.22 -4.65
CA GLY A 113 6.91 -2.33 -4.44
C GLY A 113 7.25 -3.59 -3.69
N LEU A 114 8.30 -4.29 -4.13
CA LEU A 114 8.82 -5.43 -3.39
C LEU A 114 9.88 -4.92 -2.45
N ILE A 115 9.74 -5.28 -1.17
CA ILE A 115 10.56 -4.73 -0.07
C ILE A 115 11.64 -5.73 0.29
N ASP A 116 12.84 -5.21 0.47
CA ASP A 116 13.99 -6.05 0.85
C ASP A 116 13.75 -6.77 2.15
N HIS A 117 14.22 -8.03 2.23
CA HIS A 117 14.09 -8.78 3.48
C HIS A 117 14.85 -8.21 4.69
N ASN A 118 15.83 -7.35 4.51
CA ASN A 118 16.53 -6.76 5.67
C ASN A 118 15.98 -5.39 6.09
N PHE A 119 14.91 -4.93 5.42
CA PHE A 119 14.26 -3.70 5.88
C PHE A 119 13.58 -3.88 7.22
N GLN A 120 13.80 -2.93 8.12
CA GLN A 120 13.05 -2.90 9.36
C GLN A 120 12.52 -1.49 9.56
N ALA A 121 11.20 -1.42 9.72
CA ALA A 121 10.51 -0.13 9.76
C ALA A 121 10.99 0.65 10.95
N GLN A 122 11.22 1.93 10.71
CA GLN A 122 11.48 2.89 11.74
C GLN A 122 10.32 3.91 11.69
N PRO A 123 9.18 3.63 12.35
CA PRO A 123 8.04 4.56 12.27
C PRO A 123 8.44 5.96 12.70
N ASN A 124 8.16 6.96 11.87
CA ASN A 124 8.37 8.37 12.21
C ASN A 124 7.16 8.86 13.02
N PRO A 125 7.31 9.07 14.35
CA PRO A 125 6.11 9.25 15.18
C PRO A 125 5.31 10.54 14.94
N ALA A 126 5.92 11.52 14.28
CA ALA A 126 5.14 12.71 13.86
C ALA A 126 4.06 12.36 12.83
N GLU A 127 4.25 11.25 12.11
CA GLU A 127 3.32 10.87 11.03
C GLU A 127 2.68 9.51 11.20
N VAL A 128 3.39 8.59 11.82
CA VAL A 128 2.98 7.21 11.88
C VAL A 128 2.98 6.74 13.33
N LYS A 129 1.83 6.25 13.79
CA LYS A 129 1.67 5.69 15.12
C LYS A 129 2.11 4.23 15.20
N ASP A 130 2.01 3.51 14.08
CA ASP A 130 2.27 2.08 14.09
C ASP A 130 2.50 1.64 12.65
N VAL A 131 3.19 0.52 12.50
CA VAL A 131 3.42 -0.16 11.22
C VAL A 131 3.15 -1.64 11.47
N PHE A 132 2.45 -2.30 10.56
CA PHE A 132 2.15 -3.70 10.75
C PHE A 132 1.99 -4.40 9.40
N LEU A 133 2.18 -5.71 9.43
CA LEU A 133 2.03 -6.58 8.27
C LEU A 133 0.73 -7.34 8.32
N VAL A 134 0.14 -7.57 7.14
CA VAL A 134 -0.98 -8.48 7.02
C VAL A 134 -0.68 -9.47 5.90
N PRO A 135 -0.88 -10.79 6.14
CA PRO A 135 -0.64 -11.68 5.02
C PRO A 135 -1.59 -11.35 3.86
N LEU A 136 -1.04 -11.36 2.66
CA LEU A 136 -1.83 -11.05 1.48
C LEU A 136 -3.05 -11.95 1.39
N ALA A 137 -2.92 -13.23 1.75
CA ALA A 137 -4.03 -14.16 1.63
C ALA A 137 -5.22 -13.82 2.53
N TYR A 138 -5.00 -13.06 3.61
CA TYR A 138 -6.09 -12.60 4.45
C TYR A 138 -7.20 -11.91 3.63
N PHE A 139 -6.78 -11.17 2.61
CA PHE A 139 -7.74 -10.34 1.84
C PHE A 139 -8.64 -11.14 0.92
N LEU A 140 -8.36 -12.43 0.79
CA LEU A 140 -9.27 -13.36 0.12
C LEU A 140 -10.37 -13.86 1.04
N HIS A 141 -10.13 -13.89 2.35
CA HIS A 141 -11.12 -14.33 3.34
C HIS A 141 -11.08 -13.44 4.57
N PRO A 142 -11.39 -12.16 4.38
CA PRO A 142 -11.30 -11.19 5.47
C PRO A 142 -12.42 -11.36 6.46
N GLN A 143 -12.23 -10.81 7.66
CA GLN A 143 -13.27 -10.73 8.66
C GLN A 143 -13.95 -9.37 8.48
N VAL A 144 -15.20 -9.40 8.00
CA VAL A 144 -15.88 -8.20 7.57
C VAL A 144 -16.86 -7.75 8.64
N HIS A 145 -16.88 -6.45 8.90
CA HIS A 145 -17.82 -5.81 9.82
C HIS A 145 -18.46 -4.66 9.07
N ASP A 146 -19.78 -4.50 9.22
CA ASP A 146 -20.54 -3.48 8.51
C ASP A 146 -20.82 -2.33 9.46
N GLN A 147 -20.34 -1.13 9.12
CA GLN A 147 -20.51 0.07 9.95
C GLN A 147 -21.65 0.93 9.40
N ILE A 158 -24.32 1.80 4.59
CA ILE A 158 -23.47 1.07 5.53
C ILE A 158 -22.31 0.39 4.76
N ASN A 159 -21.07 0.71 5.17
CA ASN A 159 -19.84 0.29 4.44
C ASN A 159 -19.04 -0.84 5.12
N HIS A 160 -18.36 -1.64 4.30
CA HIS A 160 -17.64 -2.83 4.75
C HIS A 160 -16.25 -2.49 5.32
N ILE A 161 -15.98 -2.95 6.53
CA ILE A 161 -14.71 -2.72 7.24
C ILE A 161 -14.07 -4.09 7.49
N PHE A 162 -12.76 -4.22 7.22
CA PHE A 162 -12.03 -5.44 7.56
C PHE A 162 -11.44 -5.30 8.94
N GLU A 163 -11.49 -6.36 9.75
CA GLU A 163 -10.80 -6.42 11.04
C GLU A 163 -9.73 -7.48 10.99
N TYR A 164 -8.49 -7.06 11.17
CA TYR A 164 -7.39 -8.01 11.16
C TYR A 164 -6.78 -8.02 12.55
N THR A 165 -6.66 -9.22 13.12
CA THR A 165 -5.99 -9.41 14.41
C THR A 165 -4.62 -10.03 14.23
N ASN A 166 -3.56 -9.34 14.68
CA ASN A 166 -2.21 -9.82 14.59
C ASN A 166 -2.01 -10.98 15.60
N PRO A 167 -1.72 -12.20 15.13
CA PRO A 167 -1.58 -13.33 16.09
C PRO A 167 -0.36 -13.21 17.01
N GLU A 168 0.58 -12.34 16.68
CA GLU A 168 1.76 -12.13 17.52
C GLU A 168 1.40 -11.50 18.84
N ASP A 169 0.45 -10.57 18.82
CA ASP A 169 0.08 -9.79 19.99
C ASP A 169 -1.40 -9.58 20.29
N GLY A 170 -2.30 -10.10 19.44
CA GLY A 170 -3.73 -9.93 19.66
C GLY A 170 -4.35 -8.59 19.32
N VAL A 171 -3.56 -7.68 18.74
CA VAL A 171 -4.04 -6.35 18.44
C VAL A 171 -4.89 -6.42 17.15
N THR A 172 -6.05 -5.80 17.20
CA THR A 172 -6.95 -5.75 16.05
C THR A 172 -6.88 -4.38 15.36
N TYR A 173 -6.76 -4.41 14.03
CA TYR A 173 -6.70 -3.21 13.21
C TYR A 173 -7.90 -3.22 12.29
N GLN A 174 -8.46 -2.03 12.05
CA GLN A 174 -9.55 -1.83 11.09
C GLN A 174 -8.97 -1.30 9.80
N ILE A 175 -9.31 -1.96 8.70
CA ILE A 175 -8.82 -1.56 7.38
C ILE A 175 -10.05 -1.29 6.51
N LYS A 176 -10.11 -0.10 5.90
CA LYS A 176 -11.31 0.26 5.16
C LYS A 176 -11.01 1.13 3.97
N GLY A 177 -12.06 1.42 3.21
CA GLY A 177 -11.96 2.38 2.12
C GLY A 177 -10.97 2.01 1.03
N MET A 178 -10.31 3.03 0.45
CA MET A 178 -9.37 2.83 -0.66
C MET A 178 -8.29 1.83 -0.24
N THR A 179 -7.83 1.93 1.00
CA THR A 179 -6.75 1.05 1.49
C THR A 179 -7.20 -0.42 1.43
N ALA A 180 -8.40 -0.69 1.94
CA ALA A 180 -8.96 -2.06 1.84
C ALA A 180 -9.17 -2.51 0.41
N ASN A 181 -9.69 -1.61 -0.43
N ASN A 181 -9.69 -1.60 -0.42
CA ASN A 181 -9.94 -1.97 -1.81
CA ASN A 181 -9.92 -1.91 -1.81
C ASN A 181 -8.66 -2.30 -2.57
C ASN A 181 -8.65 -2.32 -2.53
N LEU A 182 -7.59 -1.54 -2.34
CA LEU A 182 -6.32 -1.81 -3.00
C LEU A 182 -5.69 -3.11 -2.51
N ALA A 183 -5.85 -3.39 -1.22
CA ALA A 183 -5.28 -4.64 -0.68
C ALA A 183 -5.92 -5.86 -1.33
N VAL A 184 -7.24 -5.82 -1.49
CA VAL A 184 -7.95 -6.91 -2.18
C VAL A 184 -7.51 -7.05 -3.62
N LEU A 185 -7.37 -5.92 -4.32
CA LEU A 185 -6.89 -5.97 -5.70
C LEU A 185 -5.53 -6.68 -5.84
N VAL A 186 -4.57 -6.29 -5.01
CA VAL A 186 -3.25 -6.88 -5.04
C VAL A 186 -3.32 -8.39 -4.73
N ALA A 187 -4.12 -8.76 -3.73
CA ALA A 187 -4.32 -10.17 -3.37
C ALA A 187 -4.89 -10.94 -4.57
N PHE A 188 -5.90 -10.40 -5.23
CA PHE A 188 -6.44 -11.09 -6.41
C PHE A 188 -5.39 -11.27 -7.50
N ILE A 189 -4.67 -10.18 -7.82
CA ILE A 189 -3.70 -10.22 -8.88
C ILE A 189 -2.66 -11.30 -8.63
N ILE A 190 -2.14 -11.35 -7.40
CA ILE A 190 -0.98 -12.21 -7.12
C ILE A 190 -1.39 -13.64 -6.79
N LEU A 191 -2.53 -13.82 -6.14
CA LEU A 191 -2.91 -15.14 -5.59
C LEU A 191 -3.95 -15.92 -6.37
N GLU A 192 -4.67 -15.28 -7.29
CA GLU A 192 -5.66 -16.06 -8.06
C GLU A 192 -5.03 -17.16 -8.90
N LYS A 193 -5.78 -18.25 -9.05
CA LYS A 193 -5.42 -19.34 -9.98
C LYS A 193 -4.01 -19.82 -9.77
N LYS A 194 -3.74 -20.37 -8.58
CA LYS A 194 -2.41 -20.88 -8.24
C LYS A 194 -2.51 -22.32 -7.78
N PRO A 195 -1.70 -23.23 -8.38
CA PRO A 195 -1.61 -24.60 -7.82
C PRO A 195 -1.02 -24.60 -6.41
N THR A 196 -1.49 -25.49 -5.54
CA THR A 196 -0.95 -25.62 -4.17
C THR A 196 0.23 -26.60 -4.14
C ACT B . -7.15 1.15 13.50
O ACT B . -5.91 1.32 13.65
OXT ACT B . -7.68 0.04 13.71
CH3 ACT B . -8.01 2.28 13.04
C ACT C . 15.86 -1.88 -6.25
O ACT C . 16.11 -0.69 -5.97
OXT ACT C . 15.80 -2.75 -5.36
CH3 ACT C . 15.63 -2.27 -7.67
S DMS D . 16.19 0.31 7.77
O DMS D . 15.82 -1.05 7.29
C1 DMS D . 17.32 1.03 6.71
C2 DMS D . 14.93 1.45 7.55
S DMS E . 15.59 -9.18 -1.37
O DMS E . 14.75 -9.29 -0.13
C1 DMS E . 16.79 -10.39 -1.46
C2 DMS E . 14.62 -9.64 -2.70
N1 H3A F . -0.03 7.90 3.71
C4 H3A F . -3.77 10.05 -0.19
C5 H3A F . -2.52 9.66 0.24
C6 H3A F . -2.38 8.55 1.05
C7 H3A F . -1.02 8.10 1.52
C8 H3A F . -0.63 8.74 2.83
C10 H3A F . 0.57 7.23 5.94
C13 H3A F . 1.30 9.81 6.57
C15 H3A F . -3.51 7.82 1.40
C1 H3A F . -5.67 6.70 2.56
O1 H3A F . -5.85 7.47 1.37
C2 H3A F . -4.76 8.22 0.97
C3 H3A F . -4.90 9.34 0.18
C9 H3A F . 0.45 8.24 4.99
C11 H3A F . 1.05 7.54 7.19
C12 H3A F . 1.40 8.84 7.52
C14 H3A F . 0.82 9.55 5.30
CL1 H3A F . 1.76 11.45 6.95
O2 H3A F . -0.80 9.93 3.04
#